data_2GGM
#
_entry.id   2GGM
#
_cell.length_a   59.150
_cell.length_b   59.000
_cell.length_c   104.240
_cell.angle_alpha   90.00
_cell.angle_beta   94.30
_cell.angle_gamma   90.00
#
_symmetry.space_group_name_H-M   'C 1 2 1'
#
loop_
_entity.id
_entity.type
_entity.pdbx_description
1 polymer Centrin-2
2 polymer 'DNA-repair protein complementing XP-C cells'
3 non-polymer 'CALCIUM ION'
4 water water
#
loop_
_entity_poly.entity_id
_entity_poly.type
_entity_poly.pdbx_seq_one_letter_code
_entity_poly.pdbx_strand_id
1 'polypeptide(L)'
;MASNFKKANMASSSQRKRMSPKPELTEEQKQEIREAFDLFDADGTGTIDVKELKVA(MSE)RALGFEPKKEEIKK(MSE)
ISEIDKEGTGK(MSE)NFGDFLTV(MSE)TQK(MSE)SEKDTKEEILKAFKLFDDDETGKISFKNLKRVAKELGENLTDE
ELQE(MSE)IDEADRDGDGEVSEQEFLRI(MSE)KKTSLY
;
A,B
2 'polypeptide(L)' NWKLLAKGLLIRERLKR C,D
#
loop_
_chem_comp.id
_chem_comp.type
_chem_comp.name
_chem_comp.formula
CA non-polymer 'CALCIUM ION' 'Ca 2'
#
# COMPACT_ATOMS: atom_id res chain seq x y z
N GLU A 24 -4.04 5.35 -23.29
CA GLU A 24 -2.62 4.92 -23.46
C GLU A 24 -2.51 3.65 -24.36
N LEU A 25 -2.14 3.93 -25.61
CA LEU A 25 -2.17 2.99 -26.75
C LEU A 25 -1.02 3.46 -27.63
N THR A 26 -1.15 4.72 -28.07
CA THR A 26 -0.23 5.57 -28.87
C THR A 26 -0.42 5.44 -30.38
N GLU A 27 0.50 6.05 -31.13
CA GLU A 27 0.35 6.22 -32.57
C GLU A 27 1.45 5.53 -33.37
N GLU A 28 2.71 5.76 -33.01
CA GLU A 28 3.82 5.02 -33.62
C GLU A 28 3.73 3.55 -33.22
N GLN A 29 2.90 3.26 -32.22
CA GLN A 29 2.78 1.90 -31.71
C GLN A 29 1.58 1.20 -32.29
N LYS A 30 0.49 1.95 -32.49
CA LYS A 30 -0.60 1.52 -33.34
C LYS A 30 -0.13 1.25 -34.79
N GLN A 31 0.78 2.08 -35.28
CA GLN A 31 1.27 1.94 -36.66
C GLN A 31 2.28 0.80 -36.88
N GLU A 32 3.04 0.49 -35.82
CA GLU A 32 3.89 -0.71 -35.73
C GLU A 32 3.10 -2.01 -35.78
N ILE A 33 1.97 -2.04 -35.09
CA ILE A 33 1.14 -3.21 -34.98
C ILE A 33 0.57 -3.54 -36.34
N ARG A 34 0.39 -2.49 -37.13
CA ARG A 34 -0.21 -2.50 -38.44
C ARG A 34 0.80 -3.06 -39.44
N GLU A 35 1.96 -2.46 -39.47
CA GLU A 35 3.12 -3.06 -40.07
C GLU A 35 3.32 -4.54 -39.77
N ALA A 36 3.49 -4.92 -38.51
CA ALA A 36 3.55 -6.32 -38.10
C ALA A 36 2.42 -7.13 -38.78
N PHE A 37 1.19 -6.60 -38.76
CA PHE A 37 0.00 -7.32 -39.28
C PHE A 37 0.14 -7.57 -40.78
N ASP A 38 0.65 -6.56 -41.48
CA ASP A 38 0.76 -6.59 -42.93
C ASP A 38 1.87 -7.52 -43.41
N LEU A 39 2.75 -7.93 -42.50
CA LEU A 39 3.90 -8.75 -42.91
C LEU A 39 3.28 -10.04 -43.27
N PHE A 40 2.17 -10.32 -42.58
CA PHE A 40 1.52 -11.63 -42.69
C PHE A 40 0.34 -11.62 -43.62
N ASP A 41 0.07 -10.42 -44.14
CA ASP A 41 -0.95 -10.24 -45.10
C ASP A 41 -0.41 -9.59 -46.36
N ALA A 42 0.52 -10.27 -47.04
CA ALA A 42 1.18 -9.66 -48.19
C ALA A 42 0.23 -9.44 -49.35
N ASP A 43 -0.79 -10.27 -49.48
CA ASP A 43 -1.75 -10.13 -50.53
C ASP A 43 -2.93 -9.22 -50.26
N GLY A 44 -2.96 -8.60 -49.08
CA GLY A 44 -3.99 -7.67 -48.65
C GLY A 44 -5.39 -8.18 -48.71
N THR A 45 -5.62 -9.36 -48.16
CA THR A 45 -6.93 -9.90 -48.04
C THR A 45 -7.54 -9.34 -46.72
N GLY A 46 -6.79 -8.54 -45.98
CA GLY A 46 -7.30 -7.96 -44.74
C GLY A 46 -7.35 -8.87 -43.55
N THR A 47 -7.08 -10.17 -43.71
CA THR A 47 -6.84 -11.03 -42.54
C THR A 47 -5.43 -11.65 -42.50
N ILE A 48 -5.06 -12.17 -41.33
CA ILE A 48 -3.94 -13.10 -41.28
C ILE A 48 -4.43 -14.36 -40.64
N ASP A 49 -3.76 -15.43 -40.98
CA ASP A 49 -3.93 -16.71 -40.38
C ASP A 49 -3.58 -16.68 -38.89
N VAL A 50 -4.54 -17.01 -38.02
CA VAL A 50 -4.27 -17.25 -36.57
C VAL A 50 -2.93 -17.97 -36.23
N LYS A 51 -2.38 -18.74 -37.17
CA LYS A 51 -1.13 -19.47 -36.97
C LYS A 51 0.13 -18.63 -37.00
N GLU A 52 0.08 -17.46 -37.62
CA GLU A 52 1.21 -16.58 -37.60
C GLU A 52 1.25 -15.73 -36.33
N LEU A 53 0.38 -15.99 -35.36
CA LEU A 53 0.36 -15.22 -34.11
C LEU A 53 1.66 -15.14 -33.41
N LYS A 54 2.33 -16.27 -33.23
CA LYS A 54 3.52 -16.35 -32.43
C LYS A 54 4.56 -15.56 -33.13
N VAL A 55 4.73 -15.81 -34.43
CA VAL A 55 5.76 -15.06 -35.18
C VAL A 55 5.50 -13.60 -35.17
N ALA A 56 4.22 -13.24 -35.33
CA ALA A 56 3.68 -11.83 -35.22
C ALA A 56 3.98 -11.15 -33.90
N MSE A 57 3.79 -11.89 -32.82
CA MSE A 57 4.11 -11.39 -31.47
C MSE A 57 5.59 -11.16 -31.28
O MSE A 57 5.96 -10.12 -30.71
CB MSE A 57 3.57 -12.33 -30.43
CG MSE A 57 2.07 -12.19 -30.32
SE MSE A 57 1.31 -13.36 -29.04
CE MSE A 57 2.19 -12.59 -27.45
N ARG A 58 6.43 -12.11 -31.79
CA ARG A 58 7.88 -11.97 -31.74
C ARG A 58 8.43 -10.79 -32.51
N ALA A 59 7.97 -10.60 -33.75
CA ALA A 59 8.34 -9.42 -34.51
C ALA A 59 8.05 -8.15 -33.68
N LEU A 60 7.07 -8.24 -32.79
CA LEU A 60 6.65 -7.13 -31.96
C LEU A 60 7.42 -7.00 -30.66
N GLY A 61 8.36 -7.89 -30.40
CA GLY A 61 9.16 -7.84 -29.15
C GLY A 61 8.71 -8.77 -28.03
N PHE A 62 7.63 -9.50 -28.25
CA PHE A 62 7.10 -10.44 -27.26
C PHE A 62 7.83 -11.77 -27.29
N GLU A 63 7.73 -12.51 -26.19
CA GLU A 63 8.35 -13.84 -26.08
C GLU A 63 7.36 -14.88 -25.58
N PRO A 64 6.26 -15.04 -26.30
CA PRO A 64 5.18 -15.91 -25.79
C PRO A 64 5.62 -17.36 -25.65
N LYS A 65 4.92 -18.13 -24.83
CA LYS A 65 5.26 -19.52 -24.62
C LYS A 65 4.10 -20.39 -25.10
N LYS A 66 4.37 -21.66 -25.36
CA LYS A 66 3.38 -22.58 -25.95
C LYS A 66 1.98 -22.43 -25.41
N GLU A 67 1.90 -22.42 -24.10
CA GLU A 67 0.64 -22.53 -23.33
C GLU A 67 -0.20 -21.32 -23.55
N GLU A 68 0.50 -20.19 -23.60
CA GLU A 68 0.04 -18.83 -23.86
C GLU A 68 -0.44 -18.64 -25.28
N ILE A 69 0.31 -19.20 -26.22
CA ILE A 69 -0.18 -19.29 -27.59
C ILE A 69 -1.36 -20.24 -27.72
N LYS A 70 -1.27 -21.44 -27.12
CA LYS A 70 -2.40 -22.33 -27.18
C LYS A 70 -3.65 -21.59 -26.68
N LYS A 71 -3.47 -20.87 -25.57
CA LYS A 71 -4.57 -20.24 -24.83
C LYS A 71 -5.19 -19.13 -25.66
N MSE A 72 -4.31 -18.26 -26.22
CA MSE A 72 -4.67 -17.12 -27.07
C MSE A 72 -5.23 -17.39 -28.43
O MSE A 72 -6.03 -16.55 -28.95
CB MSE A 72 -3.49 -16.24 -27.33
CG MSE A 72 -2.82 -15.77 -26.10
SE MSE A 72 -1.38 -14.59 -26.71
CE MSE A 72 -2.49 -13.52 -27.86
N ILE A 73 -4.77 -18.46 -29.08
CA ILE A 73 -5.28 -18.79 -30.41
C ILE A 73 -6.70 -19.27 -30.17
N SER A 74 -6.91 -19.79 -28.97
CA SER A 74 -8.20 -20.32 -28.57
C SER A 74 -9.18 -19.20 -28.11
N GLU A 75 -8.69 -18.16 -27.45
CA GLU A 75 -9.52 -16.99 -27.20
C GLU A 75 -9.82 -16.30 -28.52
N ILE A 76 -8.83 -16.25 -29.42
CA ILE A 76 -8.88 -15.38 -30.58
C ILE A 76 -9.79 -15.97 -31.65
N ASP A 77 -9.67 -17.27 -31.86
CA ASP A 77 -10.38 -17.87 -32.96
C ASP A 77 -11.46 -18.70 -32.41
N LYS A 78 -12.30 -18.10 -31.56
CA LYS A 78 -13.42 -18.83 -30.89
C LYS A 78 -14.35 -19.51 -31.87
N GLU A 79 -14.51 -18.95 -33.08
CA GLU A 79 -15.29 -19.60 -34.17
C GLU A 79 -14.40 -20.25 -35.25
N GLY A 80 -13.34 -20.92 -34.78
CA GLY A 80 -12.41 -21.68 -35.63
C GLY A 80 -12.30 -21.43 -37.12
N THR A 81 -12.30 -20.16 -37.51
CA THR A 81 -12.09 -19.69 -38.90
C THR A 81 -10.63 -19.84 -39.37
N GLY A 82 -9.70 -19.86 -38.40
CA GLY A 82 -8.26 -19.91 -38.64
C GLY A 82 -7.66 -18.57 -39.03
N LYS A 83 -8.48 -17.52 -38.96
CA LYS A 83 -8.19 -16.24 -39.54
C LYS A 83 -8.47 -15.22 -38.50
N MSE A 84 -7.75 -14.08 -38.56
CA MSE A 84 -8.10 -12.90 -37.74
C MSE A 84 -7.93 -11.55 -38.46
O MSE A 84 -6.98 -11.34 -39.25
CB MSE A 84 -7.34 -12.90 -36.40
CG MSE A 84 -5.93 -12.36 -36.44
SE MSE A 84 -4.87 -12.80 -34.83
CE MSE A 84 -3.34 -13.41 -35.75
N ASN A 85 -8.83 -10.63 -38.20
CA ASN A 85 -8.72 -9.33 -38.84
C ASN A 85 -7.81 -8.35 -38.11
N PHE A 86 -7.67 -7.16 -38.64
CA PHE A 86 -6.77 -6.22 -37.96
C PHE A 86 -7.29 -5.72 -36.59
N GLY A 87 -8.60 -5.59 -36.40
CA GLY A 87 -9.14 -5.02 -35.16
C GLY A 87 -8.87 -6.01 -34.03
N ASP A 88 -9.11 -7.26 -34.34
CA ASP A 88 -8.91 -8.32 -33.40
C ASP A 88 -7.42 -8.50 -33.06
N PHE A 89 -6.57 -8.39 -34.08
CA PHE A 89 -5.12 -8.39 -33.85
C PHE A 89 -4.68 -7.22 -33.00
N LEU A 90 -5.11 -6.01 -33.39
CA LEU A 90 -4.83 -4.80 -32.60
C LEU A 90 -5.19 -4.93 -31.13
N THR A 91 -6.37 -5.47 -30.82
CA THR A 91 -6.85 -5.75 -29.45
C THR A 91 -5.86 -6.56 -28.65
N VAL A 92 -5.77 -7.81 -29.06
CA VAL A 92 -4.84 -8.80 -28.55
C VAL A 92 -3.47 -8.22 -28.33
N MSE A 93 -2.98 -7.36 -29.22
CA MSE A 93 -1.61 -6.80 -29.06
C MSE A 93 -1.54 -5.64 -28.09
O MSE A 93 -0.46 -5.37 -27.49
CB MSE A 93 -1.04 -6.34 -30.39
CG MSE A 93 -0.70 -7.47 -31.36
SE MSE A 93 0.43 -8.88 -30.64
CE MSE A 93 -1.01 -10.13 -30.26
N THR A 94 -2.67 -4.92 -27.97
CA THR A 94 -2.73 -3.78 -27.05
C THR A 94 -2.77 -4.38 -25.67
N GLN A 95 -3.71 -5.31 -25.47
CA GLN A 95 -3.86 -6.15 -24.31
C GLN A 95 -2.54 -6.77 -23.92
N LYS A 96 -1.76 -7.29 -24.88
CA LYS A 96 -0.51 -7.96 -24.56
C LYS A 96 0.52 -6.93 -24.21
N MSE A 97 0.46 -5.77 -24.83
CA MSE A 97 1.39 -4.73 -24.37
C MSE A 97 1.07 -4.27 -22.94
O MSE A 97 1.98 -3.97 -22.19
CB MSE A 97 1.46 -3.55 -25.31
CG MSE A 97 2.54 -2.53 -24.95
SE MSE A 97 4.41 -2.91 -25.54
CE MSE A 97 5.42 -1.29 -24.63
N SER A 98 -0.19 -4.26 -22.55
CA SER A 98 -0.52 -3.82 -21.19
C SER A 98 -0.06 -4.85 -20.14
N GLU A 99 -0.41 -6.13 -20.36
CA GLU A 99 0.14 -7.25 -19.61
C GLU A 99 1.67 -7.28 -19.47
N LYS A 100 2.41 -7.12 -20.55
CA LYS A 100 3.88 -6.96 -20.53
C LYS A 100 4.38 -5.81 -19.66
N ASP A 101 3.69 -4.67 -19.72
CA ASP A 101 4.02 -3.56 -18.84
C ASP A 101 3.77 -3.94 -17.40
N THR A 102 2.65 -4.59 -17.10
CA THR A 102 2.30 -5.01 -15.75
C THR A 102 3.34 -5.99 -15.20
N LYS A 103 3.56 -7.10 -15.92
CA LYS A 103 4.65 -8.04 -15.66
C LYS A 103 6.00 -7.39 -15.33
N GLU A 104 6.40 -6.40 -16.12
CA GLU A 104 7.68 -5.74 -15.92
C GLU A 104 7.68 -5.03 -14.58
N GLU A 105 6.56 -4.36 -14.26
CA GLU A 105 6.40 -3.65 -13.03
C GLU A 105 6.37 -4.59 -11.79
N ILE A 106 5.58 -5.65 -11.88
CA ILE A 106 5.64 -6.75 -10.91
C ILE A 106 7.07 -7.33 -10.73
N LEU A 107 7.75 -7.61 -11.83
CA LEU A 107 9.15 -8.02 -11.83
C LEU A 107 10.06 -6.98 -11.22
N LYS A 108 9.74 -5.71 -11.44
CA LYS A 108 10.55 -4.62 -10.87
C LYS A 108 10.39 -4.62 -9.35
N ALA A 109 9.18 -4.90 -8.87
CA ALA A 109 8.95 -4.99 -7.43
C ALA A 109 9.55 -6.29 -6.82
N PHE A 110 9.44 -7.42 -7.55
CA PHE A 110 10.16 -8.64 -7.19
C PHE A 110 11.55 -8.29 -6.77
N LYS A 111 12.27 -7.61 -7.65
CA LYS A 111 13.68 -7.29 -7.36
C LYS A 111 13.91 -6.41 -6.16
N LEU A 112 12.88 -5.62 -5.77
CA LEU A 112 13.02 -4.73 -4.61
C LEU A 112 12.79 -5.47 -3.30
N PHE A 113 11.97 -6.49 -3.31
CA PHE A 113 11.92 -7.38 -2.16
C PHE A 113 13.24 -8.24 -2.05
N ASP A 114 13.73 -8.76 -3.19
CA ASP A 114 14.91 -9.71 -3.17
C ASP A 114 16.15 -8.85 -3.29
N ASP A 115 16.47 -8.09 -2.26
CA ASP A 115 17.59 -7.15 -2.40
C ASP A 115 18.97 -7.79 -2.24
N ASP A 116 19.02 -8.92 -1.56
CA ASP A 116 20.19 -9.84 -1.61
C ASP A 116 20.25 -10.75 -2.89
N GLU A 117 19.31 -10.56 -3.84
CA GLU A 117 19.45 -11.13 -5.17
C GLU A 117 19.57 -12.66 -5.27
N THR A 118 19.19 -13.37 -4.20
CA THR A 118 19.17 -14.82 -4.21
C THR A 118 18.14 -15.37 -5.21
N GLY A 119 17.49 -14.47 -5.97
CA GLY A 119 16.43 -14.85 -6.92
C GLY A 119 15.14 -15.42 -6.38
N LYS A 120 15.00 -15.46 -5.06
CA LYS A 120 13.74 -15.83 -4.36
C LYS A 120 13.46 -14.78 -3.27
N ILE A 121 12.21 -14.63 -2.84
CA ILE A 121 11.96 -13.66 -1.81
C ILE A 121 11.87 -14.48 -0.55
N SER A 122 12.67 -14.16 0.44
CA SER A 122 12.57 -14.87 1.71
C SER A 122 11.75 -14.15 2.74
N PHE A 123 11.37 -14.90 3.77
CA PHE A 123 11.06 -14.35 5.10
C PHE A 123 11.98 -13.18 5.52
N LYS A 124 13.29 -13.34 5.55
CA LYS A 124 14.13 -12.17 5.72
C LYS A 124 13.78 -10.95 4.84
N ASN A 125 13.52 -11.13 3.52
CA ASN A 125 13.29 -10.00 2.60
C ASN A 125 12.01 -9.27 2.91
N LEU A 126 10.98 -10.05 3.15
CA LEU A 126 9.65 -9.64 3.41
C LEU A 126 9.60 -8.85 4.75
N LYS A 127 10.14 -9.41 5.83
N LYS A 127 10.08 -9.49 5.81
CA LYS A 127 10.24 -8.66 7.09
CA LYS A 127 10.42 -8.85 7.08
C LYS A 127 10.98 -7.31 6.94
C LYS A 127 10.95 -7.42 6.88
N ARG A 128 12.08 -7.31 6.18
CA ARG A 128 12.80 -6.07 5.94
C ARG A 128 11.97 -5.08 5.17
N VAL A 129 11.20 -5.56 4.19
CA VAL A 129 10.32 -4.72 3.46
C VAL A 129 9.16 -4.11 4.33
N ALA A 130 8.36 -4.92 5.03
CA ALA A 130 7.41 -4.42 6.02
C ALA A 130 7.94 -3.28 6.91
N LYS A 131 9.06 -3.52 7.57
CA LYS A 131 9.74 -2.49 8.40
C LYS A 131 10.06 -1.25 7.56
N GLU A 132 10.81 -1.35 6.48
CA GLU A 132 11.12 -0.15 5.70
C GLU A 132 9.85 0.67 5.29
N LEU A 133 8.70 0.01 5.27
CA LEU A 133 7.49 0.64 4.79
C LEU A 133 6.61 1.00 5.95
N GLY A 134 7.10 0.71 7.16
CA GLY A 134 6.43 1.07 8.41
C GLY A 134 5.25 0.20 8.81
N GLU A 135 5.27 -1.07 8.41
CA GLU A 135 4.20 -1.98 8.86
C GLU A 135 4.63 -2.51 10.19
N ASN A 136 3.79 -3.29 10.86
CA ASN A 136 4.22 -3.89 12.11
C ASN A 136 3.64 -5.28 12.35
N LEU A 137 3.92 -6.15 11.39
CA LEU A 137 3.35 -7.47 11.31
C LEU A 137 4.19 -8.28 12.21
N THR A 138 3.58 -9.35 12.72
CA THR A 138 4.26 -10.32 13.48
C THR A 138 4.92 -11.33 12.52
N ASP A 139 5.92 -12.05 13.02
CA ASP A 139 6.52 -13.15 12.25
C ASP A 139 5.44 -14.12 11.82
N GLU A 140 4.38 -14.18 12.60
CA GLU A 140 3.30 -15.12 12.35
C GLU A 140 2.49 -14.69 11.14
N GLU A 141 2.43 -13.38 10.95
CA GLU A 141 1.70 -12.82 9.82
C GLU A 141 2.60 -12.79 8.62
N LEU A 142 3.87 -12.48 8.86
CA LEU A 142 4.88 -12.53 7.87
C LEU A 142 4.97 -13.95 7.31
N GLN A 143 5.01 -14.96 8.16
CA GLN A 143 5.03 -16.35 7.69
C GLN A 143 3.76 -16.70 6.95
N GLU A 144 2.68 -16.03 7.28
CA GLU A 144 1.40 -16.41 6.69
C GLU A 144 1.35 -15.95 5.21
N MSE A 145 2.05 -14.85 4.96
CA MSE A 145 2.16 -14.20 3.69
C MSE A 145 3.09 -15.00 2.78
O MSE A 145 2.84 -15.16 1.57
CB MSE A 145 2.65 -12.77 3.92
CG MSE A 145 1.53 -11.65 4.44
SE MSE A 145 2.53 -10.00 4.42
CE MSE A 145 2.59 -9.80 2.66
N ILE A 146 4.19 -15.53 3.35
CA ILE A 146 5.03 -16.50 2.60
C ILE A 146 4.22 -17.75 2.23
N ASP A 147 3.71 -18.46 3.22
CA ASP A 147 2.97 -19.68 2.95
C ASP A 147 1.93 -19.39 1.90
N GLU A 148 1.18 -18.31 2.07
CA GLU A 148 0.10 -18.09 1.13
C GLU A 148 0.67 -17.90 -0.29
N ALA A 149 1.86 -17.31 -0.42
CA ALA A 149 2.48 -17.09 -1.74
C ALA A 149 3.27 -18.30 -2.28
N ASP A 150 3.80 -19.10 -1.35
CA ASP A 150 4.68 -20.21 -1.65
C ASP A 150 3.87 -21.44 -2.10
N ARG A 151 3.65 -21.58 -3.40
CA ARG A 151 2.88 -22.71 -3.86
C ARG A 151 3.62 -24.03 -4.03
N ASP A 152 4.84 -23.93 -4.51
CA ASP A 152 5.69 -25.10 -4.68
C ASP A 152 6.25 -25.68 -3.36
N GLY A 153 6.06 -24.97 -2.26
CA GLY A 153 6.38 -25.45 -0.90
C GLY A 153 7.86 -25.49 -0.56
N ASP A 154 8.68 -24.72 -1.28
CA ASP A 154 10.12 -24.65 -0.96
C ASP A 154 10.43 -23.65 0.15
N GLY A 155 9.37 -23.02 0.69
CA GLY A 155 9.49 -22.06 1.80
C GLY A 155 9.96 -20.65 1.45
N GLU A 156 10.00 -20.33 0.16
CA GLU A 156 10.22 -18.98 -0.28
C GLU A 156 9.44 -18.68 -1.55
N VAL A 157 9.53 -17.45 -2.04
CA VAL A 157 8.65 -17.07 -3.11
C VAL A 157 9.40 -16.77 -4.37
N SER A 158 9.08 -17.53 -5.41
CA SER A 158 9.70 -17.36 -6.73
C SER A 158 8.99 -16.23 -7.43
N GLU A 159 9.56 -15.81 -8.58
CA GLU A 159 8.92 -14.82 -9.46
C GLU A 159 7.55 -15.23 -9.95
N GLN A 160 7.43 -16.46 -10.37
CA GLN A 160 6.17 -17.04 -10.85
C GLN A 160 5.12 -16.97 -9.79
N GLU A 161 5.53 -17.26 -8.56
CA GLU A 161 4.69 -17.16 -7.38
C GLU A 161 4.34 -15.71 -7.10
N PHE A 162 5.28 -14.82 -7.30
CA PHE A 162 5.04 -13.46 -6.99
C PHE A 162 4.10 -12.93 -8.07
N LEU A 163 4.40 -13.19 -9.35
CA LEU A 163 3.48 -12.89 -10.48
C LEU A 163 2.11 -13.43 -10.22
N ARG A 164 2.02 -14.71 -9.89
N ARG A 164 2.04 -14.70 -9.87
CA ARG A 164 0.73 -15.29 -9.53
CA ARG A 164 0.77 -15.29 -9.53
C ARG A 164 0.05 -14.50 -8.40
C ARG A 164 0.06 -14.52 -8.41
N ILE A 165 0.81 -14.12 -7.39
CA ILE A 165 0.18 -13.46 -6.26
C ILE A 165 -0.37 -12.04 -6.61
N MSE A 166 0.30 -11.31 -7.50
CA MSE A 166 -0.19 -10.01 -7.97
C MSE A 166 -1.36 -10.24 -8.90
O MSE A 166 -2.45 -9.81 -8.59
CB MSE A 166 0.88 -9.17 -8.64
CG MSE A 166 2.11 -9.04 -7.84
SE MSE A 166 1.85 -8.21 -6.04
CE MSE A 166 3.17 -6.91 -6.38
N LYS A 167 -1.16 -10.95 -10.02
CA LYS A 167 -2.30 -11.44 -10.78
C LYS A 167 -3.61 -11.53 -9.96
N LYS A 168 -3.59 -12.11 -8.75
CA LYS A 168 -4.85 -12.32 -7.97
C LYS A 168 -5.23 -11.40 -6.77
N THR A 169 -4.69 -10.18 -6.71
CA THR A 169 -5.02 -9.19 -5.66
C THR A 169 -5.81 -7.98 -6.16
N SER A 170 -6.18 -7.07 -5.22
CA SER A 170 -7.02 -5.86 -5.45
C SER A 170 -7.07 -5.12 -6.81
N LEU A 171 -5.94 -4.51 -7.24
CA LEU A 171 -5.75 -3.86 -8.57
C LEU A 171 -4.29 -3.43 -8.79
N TYR A 172 -3.85 -3.21 -10.03
CA TYR A 172 -2.45 -2.77 -10.29
C TYR A 172 -2.28 -1.38 -10.97
N LEU B 25 12.63 6.25 23.81
CA LEU B 25 11.75 6.23 25.02
C LEU B 25 11.43 7.68 25.57
N THR B 26 12.38 8.63 25.55
CA THR B 26 13.85 8.47 25.43
C THR B 26 14.42 7.84 26.74
N GLU B 27 15.23 8.43 27.65
CA GLU B 27 16.18 9.60 27.68
C GLU B 27 15.85 10.71 28.73
N GLU B 28 15.86 11.99 28.35
CA GLU B 28 15.39 13.07 29.25
C GLU B 28 13.84 13.09 29.31
N GLN B 29 13.22 12.37 28.39
CA GLN B 29 11.78 12.14 28.43
C GLN B 29 11.40 11.36 29.69
N LYS B 30 12.32 10.53 30.20
CA LYS B 30 12.03 9.65 31.35
C LYS B 30 12.00 10.40 32.68
N GLN B 31 12.77 11.47 32.75
CA GLN B 31 12.87 12.26 33.96
C GLN B 31 11.74 13.26 33.99
N GLU B 32 11.24 13.59 32.80
CA GLU B 32 10.07 14.44 32.71
C GLU B 32 8.86 13.72 33.22
N ILE B 33 8.70 12.45 32.85
CA ILE B 33 7.56 11.64 33.33
C ILE B 33 7.59 11.57 34.87
N ARG B 34 8.71 11.09 35.44
CA ARG B 34 9.06 11.21 36.84
C ARG B 34 8.68 12.54 37.50
N GLU B 35 9.09 13.62 36.91
CA GLU B 35 8.85 14.85 37.53
C GLU B 35 7.37 15.23 37.59
N ALA B 36 6.58 14.66 36.67
CA ALA B 36 5.19 15.04 36.47
C ALA B 36 4.42 14.20 37.43
N PHE B 37 4.87 12.94 37.58
CA PHE B 37 4.32 11.93 38.48
C PHE B 37 4.57 12.40 39.91
N ASP B 38 5.81 12.81 40.14
CA ASP B 38 6.23 13.26 41.44
C ASP B 38 5.48 14.50 41.90
N LEU B 39 4.84 15.21 40.96
CA LEU B 39 4.10 16.42 41.33
C LEU B 39 2.91 16.01 42.15
N PHE B 40 2.33 14.85 41.80
CA PHE B 40 1.06 14.42 42.39
C PHE B 40 1.23 13.48 43.57
N ASP B 41 2.48 13.36 44.00
CA ASP B 41 2.84 12.53 45.12
C ASP B 41 3.81 13.28 45.95
N ALA B 42 3.41 14.41 46.50
CA ALA B 42 4.33 15.29 47.21
C ALA B 42 4.80 14.62 48.47
N ASP B 43 4.07 13.60 48.92
CA ASP B 43 4.30 12.92 50.22
C ASP B 43 5.17 11.66 50.12
N GLY B 44 5.38 11.20 48.89
CA GLY B 44 6.37 10.20 48.58
C GLY B 44 5.91 8.81 48.94
N THR B 45 4.64 8.50 48.64
CA THR B 45 4.04 7.18 48.89
C THR B 45 4.29 6.25 47.66
N GLY B 46 4.93 6.76 46.63
CA GLY B 46 5.14 6.04 45.40
C GLY B 46 3.93 5.63 44.58
N THR B 47 2.78 6.16 44.94
CA THR B 47 1.60 6.03 44.11
C THR B 47 1.04 7.44 43.84
N ILE B 48 0.33 7.65 42.71
CA ILE B 48 -0.58 8.82 42.58
C ILE B 48 -2.00 8.31 42.39
N ASP B 49 -2.99 9.17 42.62
CA ASP B 49 -4.37 8.79 42.47
C ASP B 49 -4.72 8.81 40.99
N VAL B 50 -5.38 7.75 40.53
CA VAL B 50 -5.79 7.70 39.15
C VAL B 50 -6.52 8.96 38.73
N LYS B 51 -7.04 9.73 39.68
CA LYS B 51 -7.78 10.92 39.33
C LYS B 51 -6.91 12.11 38.88
N GLU B 52 -5.60 12.06 39.15
CA GLU B 52 -4.73 13.11 38.70
C GLU B 52 -4.25 12.90 37.22
N LEU B 53 -4.61 11.78 36.62
CA LEU B 53 -4.18 11.41 35.24
C LEU B 53 -4.30 12.47 34.16
N LYS B 54 -5.38 13.25 34.16
CA LYS B 54 -5.63 14.18 33.09
C LYS B 54 -4.78 15.42 33.30
N VAL B 55 -4.67 15.84 34.54
CA VAL B 55 -3.83 17.00 34.92
C VAL B 55 -2.37 16.61 34.76
N ALA B 56 -2.03 15.35 35.01
CA ALA B 56 -0.65 14.83 34.74
C ALA B 56 -0.37 14.82 33.26
N MSE B 57 -1.32 14.29 32.49
CA MSE B 57 -1.24 14.35 30.99
C MSE B 57 -1.08 15.74 30.39
O MSE B 57 -0.26 15.92 29.49
CB MSE B 57 -2.42 13.63 30.32
CG MSE B 57 -2.19 12.15 30.45
SE MSE B 57 -3.58 11.07 29.81
CE MSE B 57 -3.15 11.44 28.01
N ARG B 58 -1.81 16.71 30.92
CA ARG B 58 -1.71 18.07 30.48
C ARG B 58 -0.40 18.74 30.80
N ALA B 59 0.14 18.50 31.99
CA ALA B 59 1.37 19.10 32.41
C ALA B 59 2.46 18.51 31.51
N LEU B 60 2.23 17.29 31.05
CA LEU B 60 3.06 16.65 30.06
C LEU B 60 2.73 16.94 28.55
N GLY B 61 2.01 18.02 28.26
CA GLY B 61 1.82 18.45 26.88
C GLY B 61 0.71 17.76 26.15
N PHE B 62 0.11 16.72 26.72
CA PHE B 62 -1.03 16.05 26.09
C PHE B 62 -2.30 16.83 26.27
N GLU B 63 -3.39 16.24 25.79
CA GLU B 63 -4.58 16.97 25.39
C GLU B 63 -5.85 16.09 25.52
N PRO B 64 -5.95 15.27 26.58
CA PRO B 64 -6.89 14.16 26.48
C PRO B 64 -8.39 14.54 26.45
N LYS B 65 -9.17 13.63 25.89
CA LYS B 65 -10.58 13.85 25.73
C LYS B 65 -11.26 13.06 26.81
N LYS B 66 -12.46 13.49 27.20
CA LYS B 66 -13.28 12.83 28.19
C LYS B 66 -13.33 11.33 28.02
N GLU B 67 -13.61 10.87 26.82
N GLU B 67 -13.60 10.94 26.78
CA GLU B 67 -13.73 9.41 26.62
CA GLU B 67 -13.71 9.53 26.35
C GLU B 67 -12.38 8.68 26.61
C GLU B 67 -12.42 8.74 26.54
N GLU B 68 -11.29 9.42 26.35
CA GLU B 68 -9.90 8.86 26.41
C GLU B 68 -9.53 8.57 27.89
N ILE B 69 -9.55 9.64 28.69
CA ILE B 69 -9.47 9.57 30.17
C ILE B 69 -10.31 8.41 30.72
N LYS B 70 -11.58 8.39 30.34
CA LYS B 70 -12.50 7.37 30.75
C LYS B 70 -11.96 5.96 30.54
N LYS B 71 -11.43 5.74 29.34
CA LYS B 71 -11.08 4.39 28.88
C LYS B 71 -9.75 4.04 29.50
N MSE B 72 -8.82 5.01 29.52
CA MSE B 72 -7.51 4.84 30.16
C MSE B 72 -7.56 4.61 31.65
O MSE B 72 -6.67 3.98 32.17
CB MSE B 72 -6.59 6.01 29.95
CG MSE B 72 -6.60 6.54 28.61
SE MSE B 72 -5.19 7.85 28.75
CE MSE B 72 -5.64 8.97 27.47
N ILE B 73 -8.56 5.16 32.35
CA ILE B 73 -8.61 5.02 33.80
C ILE B 73 -9.16 3.62 34.07
N SER B 74 -9.94 3.11 33.12
CA SER B 74 -10.51 1.77 33.19
C SER B 74 -9.41 0.74 33.04
N GLU B 75 -8.59 0.95 32.00
CA GLU B 75 -7.49 0.05 31.63
C GLU B 75 -6.38 0.05 32.65
N ILE B 76 -6.10 1.19 33.27
CA ILE B 76 -5.01 1.28 34.26
C ILE B 76 -5.49 0.73 35.57
N ASP B 77 -6.65 1.16 36.01
CA ASP B 77 -7.10 0.66 37.28
C ASP B 77 -8.10 -0.47 37.08
N LYS B 78 -7.62 -1.53 36.41
CA LYS B 78 -8.42 -2.71 36.14
C LYS B 78 -8.92 -3.30 37.43
N GLU B 79 -8.28 -2.99 38.55
CA GLU B 79 -8.72 -3.53 39.82
C GLU B 79 -9.03 -2.49 40.88
N GLY B 80 -9.50 -1.31 40.45
CA GLY B 80 -10.08 -0.28 41.34
C GLY B 80 -9.50 -0.09 42.73
N THR B 81 -8.19 0.20 42.80
CA THR B 81 -7.57 0.63 44.07
C THR B 81 -7.46 2.16 44.09
N GLY B 82 -7.77 2.76 42.95
CA GLY B 82 -7.78 4.20 42.76
C GLY B 82 -6.41 4.86 42.64
N LYS B 83 -5.33 4.06 42.49
CA LYS B 83 -3.95 4.54 42.41
C LYS B 83 -3.08 3.82 41.37
N MSE B 84 -1.93 4.46 41.11
CA MSE B 84 -1.04 4.17 39.99
C MSE B 84 0.38 4.24 40.48
O MSE B 84 0.78 5.24 41.08
CB MSE B 84 -1.13 5.29 38.99
CG MSE B 84 -2.29 5.26 38.10
SE MSE B 84 -1.77 6.47 36.70
CE MSE B 84 -2.23 8.13 37.51
N ASN B 85 1.15 3.22 40.17
CA ASN B 85 2.56 3.23 40.56
C ASN B 85 3.29 3.96 39.43
N PHE B 86 4.56 4.32 39.64
CA PHE B 86 5.31 4.99 38.59
C PHE B 86 5.60 4.10 37.39
N GLY B 87 5.78 2.81 37.57
CA GLY B 87 6.08 1.99 36.37
C GLY B 87 4.94 2.06 35.38
N ASP B 88 3.73 1.92 35.94
CA ASP B 88 2.47 2.00 35.25
C ASP B 88 2.21 3.34 34.59
N PHE B 89 2.49 4.40 35.35
CA PHE B 89 2.38 5.74 34.82
C PHE B 89 3.43 5.98 33.73
N LEU B 90 4.67 5.45 33.84
CA LEU B 90 5.62 5.48 32.69
C LEU B 90 5.12 4.76 31.42
N THR B 91 4.68 3.50 31.55
CA THR B 91 4.10 2.66 30.47
C THR B 91 3.14 3.47 29.65
N VAL B 92 2.17 4.06 30.36
CA VAL B 92 0.98 4.71 29.82
C VAL B 92 1.33 6.01 29.17
N MSE B 93 2.42 6.63 29.62
CA MSE B 93 2.92 7.88 29.05
C MSE B 93 3.80 7.67 27.85
O MSE B 93 3.87 8.55 27.00
CB MSE B 93 3.67 8.71 30.07
CG MSE B 93 2.82 9.36 31.13
SE MSE B 93 1.20 10.34 30.56
CE MSE B 93 -0.10 8.96 30.74
N THR B 94 4.50 6.55 27.79
CA THR B 94 5.22 6.16 26.58
C THR B 94 4.13 5.77 25.58
N GLN B 95 3.24 4.82 25.96
CA GLN B 95 2.07 4.49 25.14
C GLN B 95 1.34 5.69 24.50
N LYS B 96 1.23 6.82 25.20
CA LYS B 96 0.55 7.98 24.67
C LYS B 96 1.51 8.80 23.86
N MSE B 97 2.78 8.64 24.17
CA MSE B 97 3.77 9.43 23.51
C MSE B 97 3.87 8.94 22.06
O MSE B 97 3.95 9.73 21.14
CB MSE B 97 5.10 9.39 24.26
CG MSE B 97 6.17 10.34 23.73
SE MSE B 97 5.73 12.30 23.82
CE MSE B 97 6.98 12.94 22.30
N SER B 98 3.76 7.64 21.88
CA SER B 98 3.84 7.05 20.55
C SER B 98 2.55 7.16 19.84
N GLU B 99 1.51 7.58 20.55
CA GLU B 99 0.26 7.98 19.90
C GLU B 99 0.31 9.41 19.39
N LYS B 100 0.67 10.35 20.25
CA LYS B 100 0.91 11.74 19.82
C LYS B 100 1.77 11.79 18.53
N ASP B 101 2.73 10.91 18.42
CA ASP B 101 3.64 10.90 17.31
C ASP B 101 3.01 10.25 16.10
N THR B 102 2.42 9.07 16.29
CA THR B 102 1.63 8.40 15.27
C THR B 102 0.60 9.39 14.70
N LYS B 103 -0.08 10.12 15.57
CA LYS B 103 -1.16 11.00 15.16
C LYS B 103 -0.65 12.23 14.46
N GLU B 104 0.53 12.72 14.79
CA GLU B 104 1.10 13.80 13.98
C GLU B 104 1.41 13.34 12.55
N GLU B 105 1.97 12.15 12.38
CA GLU B 105 2.24 11.59 11.06
C GLU B 105 1.00 11.38 10.21
N ILE B 106 0.00 10.71 10.72
CA ILE B 106 -1.30 10.69 10.06
C ILE B 106 -1.84 12.13 9.72
N LEU B 107 -1.73 13.03 10.67
CA LEU B 107 -2.14 14.40 10.48
C LEU B 107 -1.25 15.14 9.48
N LYS B 108 0.05 14.83 9.47
CA LYS B 108 0.97 15.32 8.43
C LYS B 108 0.48 14.89 7.02
N ALA B 109 0.06 13.64 6.91
CA ALA B 109 -0.46 13.12 5.63
C ALA B 109 -1.78 13.82 5.27
N PHE B 110 -2.69 13.93 6.25
CA PHE B 110 -3.97 14.62 5.98
C PHE B 110 -3.69 15.94 5.35
N LYS B 111 -2.81 16.70 6.00
CA LYS B 111 -2.43 17.99 5.43
C LYS B 111 -1.98 17.88 3.98
N LEU B 112 -1.27 16.79 3.66
CA LEU B 112 -0.67 16.63 2.35
C LEU B 112 -1.68 16.28 1.28
N PHE B 113 -2.66 15.44 1.60
CA PHE B 113 -3.81 15.27 0.71
C PHE B 113 -4.62 16.60 0.55
N ASP B 114 -4.90 17.27 1.67
CA ASP B 114 -5.78 18.51 1.69
C ASP B 114 -4.95 19.73 1.32
N ASP B 115 -4.48 19.74 0.08
CA ASP B 115 -3.60 20.80 -0.38
C ASP B 115 -4.37 22.07 -0.79
N ASP B 116 -5.68 22.09 -0.57
CA ASP B 116 -6.45 23.33 -0.80
C ASP B 116 -6.96 23.85 0.56
N GLU B 117 -6.50 23.18 1.62
CA GLU B 117 -6.64 23.69 2.93
C GLU B 117 -8.13 23.77 3.35
N THR B 118 -9.01 23.13 2.56
CA THR B 118 -10.46 23.22 2.85
C THR B 118 -10.85 22.43 4.09
N GLY B 119 -9.88 21.72 4.68
CA GLY B 119 -10.09 21.00 5.95
C GLY B 119 -10.77 19.65 5.77
N LYS B 120 -11.02 19.28 4.52
CA LYS B 120 -11.60 17.99 4.13
C LYS B 120 -10.84 17.45 2.92
N ILE B 121 -10.67 16.14 2.83
CA ILE B 121 -10.13 15.53 1.62
C ILE B 121 -11.25 15.21 0.66
N SER B 122 -11.20 15.78 -0.53
CA SER B 122 -12.20 15.51 -1.54
C SER B 122 -11.71 14.53 -2.50
N PHE B 123 -12.67 13.97 -3.24
CA PHE B 123 -12.38 13.27 -4.49
C PHE B 123 -11.26 13.96 -5.26
N LYS B 124 -11.48 15.19 -5.65
CA LYS B 124 -10.40 15.86 -6.37
C LYS B 124 -9.05 15.76 -5.72
N ASN B 125 -8.92 15.97 -4.38
CA ASN B 125 -7.66 15.87 -3.67
C ASN B 125 -7.02 14.44 -3.77
N LEU B 126 -7.86 13.42 -3.54
CA LEU B 126 -7.55 12.03 -3.70
C LEU B 126 -6.98 11.79 -5.09
N LYS B 127 -7.73 12.17 -6.13
CA LYS B 127 -7.32 12.05 -7.53
C LYS B 127 -5.95 12.67 -7.84
N ARG B 128 -5.72 13.90 -7.36
CA ARG B 128 -4.46 14.63 -7.55
C ARG B 128 -3.39 13.76 -6.91
N VAL B 129 -3.63 13.32 -5.67
CA VAL B 129 -2.64 12.56 -4.98
C VAL B 129 -2.15 11.24 -5.70
N ALA B 130 -3.08 10.32 -6.01
CA ALA B 130 -2.92 9.10 -6.83
C ALA B 130 -2.12 9.27 -8.13
N LYS B 131 -2.54 10.23 -8.98
CA LYS B 131 -1.74 10.61 -10.17
C LYS B 131 -0.30 11.11 -9.85
N GLU B 132 -0.14 11.99 -8.86
CA GLU B 132 1.22 12.49 -8.48
C GLU B 132 2.08 11.37 -7.94
N LEU B 133 1.44 10.28 -7.52
CA LEU B 133 2.13 9.12 -6.97
C LEU B 133 2.30 8.00 -7.99
N GLY B 134 1.79 8.22 -9.20
CA GLY B 134 1.83 7.24 -10.26
C GLY B 134 0.78 6.17 -10.15
N GLU B 135 -0.16 6.29 -9.21
CA GLU B 135 -1.18 5.24 -9.16
C GLU B 135 -2.21 5.52 -10.21
N ASN B 136 -2.76 4.45 -10.78
CA ASN B 136 -3.58 4.56 -11.96
C ASN B 136 -4.99 4.08 -11.57
N LEU B 137 -5.74 4.93 -10.85
CA LEU B 137 -7.03 4.51 -10.28
C LEU B 137 -8.16 5.08 -11.09
N THR B 138 -9.23 4.31 -11.22
CA THR B 138 -10.33 4.80 -11.97
C THR B 138 -11.10 5.76 -11.05
N ASP B 139 -11.93 6.63 -11.64
CA ASP B 139 -12.89 7.44 -10.86
C ASP B 139 -13.63 6.59 -9.86
N GLU B 140 -14.26 5.55 -10.40
CA GLU B 140 -14.87 4.43 -9.70
C GLU B 140 -14.17 3.98 -8.40
N GLU B 141 -12.84 3.88 -8.44
CA GLU B 141 -12.02 3.39 -7.29
C GLU B 141 -11.62 4.45 -6.28
N LEU B 142 -11.32 5.63 -6.80
CA LEU B 142 -11.22 6.83 -5.99
C LEU B 142 -12.54 7.05 -5.23
N GLN B 143 -13.68 7.06 -5.91
CA GLN B 143 -14.97 7.13 -5.21
C GLN B 143 -15.19 6.10 -4.11
N GLU B 144 -14.71 4.87 -4.26
CA GLU B 144 -15.03 3.84 -3.24
C GLU B 144 -14.10 4.00 -2.04
N MSE B 145 -12.90 4.50 -2.27
CA MSE B 145 -12.05 4.97 -1.20
C MSE B 145 -12.66 6.16 -0.38
O MSE B 145 -12.53 6.25 0.87
CB MSE B 145 -10.70 5.37 -1.80
CG MSE B 145 -9.69 4.22 -2.31
SE MSE B 145 -8.02 5.12 -2.98
CE MSE B 145 -7.29 5.53 -1.48
N ILE B 146 -13.28 7.12 -1.06
CA ILE B 146 -13.95 8.22 -0.34
C ILE B 146 -15.08 7.58 0.50
N ASP B 147 -16.00 6.90 -0.20
CA ASP B 147 -17.07 6.14 0.46
C ASP B 147 -16.63 5.41 1.69
N GLU B 148 -15.58 4.59 1.56
CA GLU B 148 -15.11 3.72 2.66
C GLU B 148 -14.75 4.51 3.93
N ALA B 149 -14.01 5.60 3.77
CA ALA B 149 -13.63 6.50 4.85
C ALA B 149 -14.70 7.59 5.17
N ASP B 150 -15.60 7.92 4.23
CA ASP B 150 -16.62 8.95 4.55
C ASP B 150 -17.79 8.50 5.48
N ARG B 151 -17.53 8.33 6.77
CA ARG B 151 -18.55 7.75 7.63
C ARG B 151 -19.78 8.67 7.98
N ASP B 152 -19.53 9.96 8.13
CA ASP B 152 -20.63 10.88 8.35
C ASP B 152 -21.52 11.13 7.11
N GLY B 153 -21.05 10.64 5.97
CA GLY B 153 -21.80 10.64 4.72
C GLY B 153 -21.95 11.98 4.06
N ASP B 154 -21.08 12.94 4.36
CA ASP B 154 -21.12 14.22 3.70
C ASP B 154 -20.37 14.28 2.38
N GLY B 155 -19.70 13.19 2.00
CA GLY B 155 -19.02 13.05 0.70
C GLY B 155 -17.58 13.54 0.61
N GLU B 156 -16.99 13.92 1.73
CA GLU B 156 -15.57 14.20 1.83
C GLU B 156 -14.99 13.52 3.06
N VAL B 157 -13.67 13.52 3.21
CA VAL B 157 -13.11 12.88 4.39
C VAL B 157 -12.43 13.88 5.28
N SER B 158 -12.98 13.97 6.49
CA SER B 158 -12.44 14.76 7.60
C SER B 158 -11.16 14.18 8.20
N GLU B 159 -10.57 14.96 9.11
CA GLU B 159 -9.46 14.46 9.88
C GLU B 159 -9.88 13.29 10.70
N GLN B 160 -11.04 13.35 11.33
CA GLN B 160 -11.32 12.24 12.24
C GLN B 160 -11.58 10.96 11.47
N GLU B 161 -12.17 11.03 10.27
CA GLU B 161 -12.36 9.83 9.43
C GLU B 161 -11.06 9.38 8.78
N PHE B 162 -10.20 10.33 8.46
CA PHE B 162 -8.84 9.99 8.04
C PHE B 162 -8.09 9.31 9.18
N LEU B 163 -7.93 9.99 10.33
CA LEU B 163 -7.37 9.32 11.51
C LEU B 163 -8.06 8.00 11.65
N ARG B 164 -9.37 8.03 11.58
CA ARG B 164 -10.07 6.78 11.82
C ARG B 164 -9.57 5.68 10.89
N ILE B 165 -9.66 5.87 9.58
CA ILE B 165 -9.28 4.83 8.58
C ILE B 165 -7.78 4.38 8.62
N MSE B 166 -6.87 5.34 8.87
CA MSE B 166 -5.43 5.11 9.11
C MSE B 166 -5.14 4.23 10.29
O MSE B 166 -4.37 3.31 10.17
CB MSE B 166 -4.66 6.42 9.34
CG MSE B 166 -4.49 7.24 8.07
SE MSE B 166 -3.91 6.14 6.53
CE MSE B 166 -2.04 5.78 7.23
N LYS B 167 -5.75 4.53 11.43
CA LYS B 167 -5.50 3.74 12.63
C LYS B 167 -6.10 2.33 12.57
N LYS B 168 -7.20 2.17 11.83
CA LYS B 168 -7.76 0.87 11.45
C LYS B 168 -6.85 0.18 10.42
N ASN C 1 -0.84 -6.23 2.43
CA ASN C 1 -0.69 -7.60 1.83
C ASN C 1 0.45 -7.46 0.87
N TRP C 2 0.63 -8.42 -0.03
CA TRP C 2 1.75 -8.40 -1.01
C TRP C 2 1.76 -7.17 -1.90
N LYS C 3 0.58 -6.93 -2.46
CA LYS C 3 0.31 -5.80 -3.34
C LYS C 3 0.57 -4.41 -2.64
N LEU C 4 0.12 -4.18 -1.40
CA LEU C 4 0.45 -2.90 -0.75
C LEU C 4 1.92 -2.72 -0.60
N LEU C 5 2.57 -3.78 -0.11
CA LEU C 5 4.02 -3.74 0.05
C LEU C 5 4.74 -3.56 -1.29
N ALA C 6 4.32 -4.25 -2.32
CA ALA C 6 4.94 -4.08 -3.63
C ALA C 6 4.68 -2.69 -4.12
N LYS C 7 3.43 -2.29 -4.14
CA LYS C 7 3.13 -0.91 -4.50
C LYS C 7 3.92 0.11 -3.68
N GLY C 8 3.99 -0.09 -2.36
CA GLY C 8 4.85 0.78 -1.51
C GLY C 8 6.25 0.93 -2.03
N LEU C 9 6.91 -0.22 -2.36
CA LEU C 9 8.32 -0.22 -2.80
C LEU C 9 8.37 0.49 -4.14
N LEU C 10 7.43 0.20 -5.01
CA LEU C 10 7.46 0.88 -6.30
C LEU C 10 7.34 2.42 -6.17
N ILE C 11 6.47 2.87 -5.25
CA ILE C 11 6.32 4.31 -5.09
C ILE C 11 7.64 4.70 -4.48
N ARG C 12 8.11 3.99 -3.47
CA ARG C 12 9.25 4.56 -2.81
C ARG C 12 10.41 4.80 -3.77
N GLU C 13 10.43 4.05 -4.90
CA GLU C 13 11.54 4.03 -5.86
C GLU C 13 11.31 5.03 -7.02
N ARG C 14 10.08 5.11 -7.56
CA ARG C 14 9.71 6.18 -8.53
C ARG C 14 9.83 7.64 -7.97
N LEU C 15 9.96 7.75 -6.64
CA LEU C 15 10.08 9.04 -5.95
C LEU C 15 11.52 9.44 -5.67
N LYS C 16 12.32 8.49 -5.18
CA LYS C 16 13.70 8.72 -4.75
C LYS C 16 14.55 9.26 -5.90
N ARG C 17 14.70 8.44 -6.96
CA ARG C 17 15.25 8.92 -8.23
C ARG C 17 14.03 9.45 -9.02
N ASN D 1 -5.65 2.61 -2.08
CA ASN D 1 -5.55 2.29 -0.61
C ASN D 1 -5.07 3.55 0.12
N TRP D 2 -5.69 3.87 1.24
CA TRP D 2 -5.43 5.13 1.93
C TRP D 2 -3.96 5.22 2.46
N LYS D 3 -3.61 4.16 3.19
CA LYS D 3 -2.26 3.94 3.72
C LYS D 3 -1.20 3.96 2.64
N LEU D 4 -1.42 3.30 1.53
CA LEU D 4 -0.41 3.37 0.46
C LEU D 4 -0.17 4.81 0.03
N LEU D 5 -1.27 5.45 -0.39
CA LEU D 5 -1.25 6.86 -0.80
C LEU D 5 -0.65 7.79 0.26
N ALA D 6 -1.00 7.60 1.51
CA ALA D 6 -0.39 8.42 2.58
C ALA D 6 1.11 8.14 2.77
N LYS D 7 1.49 6.88 3.00
CA LYS D 7 2.94 6.54 3.03
C LYS D 7 3.64 7.23 1.87
N GLY D 8 3.06 7.12 0.69
CA GLY D 8 3.61 7.77 -0.50
C GLY D 8 3.93 9.24 -0.38
N LEU D 9 2.90 9.99 -0.02
CA LEU D 9 3.01 11.42 0.25
C LEU D 9 4.05 11.76 1.31
N LEU D 10 4.03 10.99 2.39
CA LEU D 10 4.99 11.14 3.47
C LEU D 10 6.40 10.81 3.02
N ILE D 11 6.52 9.67 2.31
CA ILE D 11 7.79 9.32 1.73
C ILE D 11 8.17 10.47 0.81
N ARG D 12 7.25 11.01 0.01
CA ARG D 12 7.69 11.92 -1.07
C ARG D 12 8.37 13.17 -0.55
N GLU D 13 8.48 13.26 0.76
CA GLU D 13 8.71 14.50 1.44
C GLU D 13 9.86 14.32 2.42
N ARG D 14 9.95 13.14 3.04
CA ARG D 14 11.16 12.69 3.77
C ARG D 14 12.31 12.50 2.76
N LEU D 15 12.08 12.98 1.53
CA LEU D 15 12.93 12.66 0.40
C LEU D 15 13.20 13.94 -0.41
N LYS D 16 12.18 14.42 -1.13
CA LYS D 16 12.21 15.67 -1.93
C LYS D 16 12.65 16.91 -1.11
N ARG D 17 12.42 16.88 0.20
CA ARG D 17 12.89 17.93 1.14
C ARG D 17 14.37 17.77 1.52
CA CA E . 16.23 -13.27 -1.46
CA CA F . 8.03 -21.32 -3.48
CA CA G . -9.56 19.70 0.60
CA CA H . -17.19 12.77 5.74
#